data_5J3T
#
_entry.id   5J3T
#
_cell.length_a   98.809
_cell.length_b   41.371
_cell.length_c   93.718
_cell.angle_alpha   90.00
_cell.angle_beta   114.04
_cell.angle_gamma   90.00
#
_symmetry.space_group_name_H-M   'C 1 2 1'
#
loop_
_entity.id
_entity.type
_entity.pdbx_description
1 polymer 'mRNA-decapping enzyme subunit 1'
2 polymer 'mRNA decapping complex subunit 2'
3 polymer Edc1
4 non-polymer 'FORMIC ACID'
5 non-polymer 'MAGNESIUM ION'
6 water water
#
loop_
_entity_poly.entity_id
_entity_poly.type
_entity_poly.pdbx_seq_one_letter_code
_entity_poly.pdbx_strand_id
1 'polypeptide(L)'
;GPHMEDENILRNAVNLQVLKFHYPEIESIIDIASHVAVYQFDVGSQKWLKTSIEGTFFLVKDQRARVGYVILNRNSPENL
YLFINHPSNVHLVDRYLIHRTENQHVVGLWMFDPNDMSRIFNIVKESLLR
;
A
2 'polypeptide(L)'
;MSFTNATFSQVLDDLSARFILNLPAEEQSSVERLCFQIEQAHWFYEDFIRAQNDQLPSLGLRVFSAKLFAHCPLLWKWSK
VHEEAFDDFLRYKTRIPVRGAIMLDMSMQQCVLVKGWKASSGWGFPKGKIDKDESDVDCAIREVYEETGFDCSSRINPNE
FIDMTIRGQNVRLYIIPGISLDTRFESRTRKEISKIEWHNLMDLPTFKKNKPQTMKNKFYMVIPFLAPLKKWIKKRNIAN
NT
;
B
3 'polypeptide(L)' SILYAGPTFTHSPAASNLPIPTFLHS C
#
# COMPACT_ATOMS: atom_id res chain seq x y z
N GLU A 5 33.70 11.13 3.86
CA GLU A 5 32.58 11.13 4.81
C GLU A 5 31.34 11.85 4.29
N ASP A 6 31.50 12.79 3.34
CA ASP A 6 30.41 13.58 2.74
C ASP A 6 29.22 12.73 2.27
N GLU A 7 29.49 11.66 1.50
CA GLU A 7 28.44 10.78 1.00
C GLU A 7 27.63 10.13 2.13
N ASN A 8 28.29 9.83 3.28
CA ASN A 8 27.59 9.27 4.44
C ASN A 8 26.65 10.29 5.07
N ILE A 9 27.09 11.55 5.17
CA ILE A 9 26.22 12.61 5.72
C ILE A 9 25.04 12.82 4.75
N LEU A 10 25.32 12.80 3.43
CA LEU A 10 24.27 12.97 2.42
C LEU A 10 23.19 11.91 2.52
N ARG A 11 23.55 10.62 2.72
N ARG A 11 23.58 10.65 2.73
CA ARG A 11 22.50 9.61 2.80
CA ARG A 11 22.62 9.55 2.84
C ARG A 11 21.76 9.63 4.15
C ARG A 11 21.79 9.65 4.12
N ASN A 12 22.42 10.11 5.21
CA ASN A 12 21.78 10.21 6.51
C ASN A 12 20.86 11.43 6.63
N ALA A 13 21.10 12.47 5.81
CA ALA A 13 20.26 13.68 5.84
C ALA A 13 18.80 13.31 5.70
N VAL A 14 17.96 13.75 6.65
CA VAL A 14 16.51 13.52 6.75
C VAL A 14 16.22 12.05 7.14
N ASN A 15 16.70 11.12 6.30
CA ASN A 15 16.46 9.66 6.48
C ASN A 15 16.79 9.18 7.87
N LEU A 16 17.93 9.60 8.42
CA LEU A 16 18.28 9.05 9.75
C LEU A 16 17.29 9.49 10.80
N GLN A 17 16.88 10.77 10.75
CA GLN A 17 15.89 11.29 11.71
C GLN A 17 14.58 10.52 11.54
N VAL A 18 14.23 10.18 10.28
CA VAL A 18 13.02 9.42 10.06
C VAL A 18 13.10 8.03 10.68
N LEU A 19 14.18 7.31 10.36
CA LEU A 19 14.33 5.97 10.92
C LEU A 19 14.38 5.98 12.46
N LYS A 20 15.09 6.97 13.06
CA LYS A 20 15.21 7.06 14.55
C LYS A 20 13.90 7.39 15.21
N PHE A 21 12.93 7.99 14.48
CA PHE A 21 11.63 8.26 15.12
C PHE A 21 10.98 6.90 15.42
N HIS A 22 11.10 5.97 14.46
CA HIS A 22 10.55 4.61 14.61
C HIS A 22 11.44 3.66 15.41
N TYR A 23 12.77 3.76 15.24
CA TYR A 23 13.74 2.84 15.83
C TYR A 23 14.89 3.69 16.36
N PRO A 24 14.74 4.28 17.55
CA PRO A 24 15.81 5.18 18.04
C PRO A 24 17.13 4.49 18.28
N GLU A 25 17.12 3.15 18.34
CA GLU A 25 18.35 2.35 18.54
C GLU A 25 19.28 2.37 17.31
N ILE A 26 18.73 2.74 16.13
CA ILE A 26 19.54 2.83 14.91
C ILE A 26 20.51 3.99 15.07
N GLU A 27 21.79 3.76 14.75
CA GLU A 27 22.81 4.79 14.93
C GLU A 27 23.11 5.49 13.61
N SER A 28 23.21 4.73 12.51
CA SER A 28 23.47 5.37 11.22
C SER A 28 23.03 4.51 10.07
N ILE A 29 22.84 5.17 8.92
CA ILE A 29 22.51 4.50 7.65
C ILE A 29 23.87 4.30 6.93
N ILE A 30 24.13 3.08 6.48
N ILE A 30 24.17 3.08 6.50
CA ILE A 30 25.35 2.65 5.80
CA ILE A 30 25.44 2.81 5.83
C ILE A 30 25.18 2.80 4.29
C ILE A 30 25.24 2.72 4.29
N ASP A 31 24.00 2.40 3.80
CA ASP A 31 23.68 2.44 2.36
C ASP A 31 22.18 2.41 2.11
N ILE A 32 21.79 2.74 0.90
CA ILE A 32 20.39 2.82 0.56
C ILE A 32 20.18 2.20 -0.80
N ALA A 33 19.03 1.56 -0.98
CA ALA A 33 18.62 1.06 -2.31
C ALA A 33 17.18 1.47 -2.50
N SER A 34 16.86 2.01 -3.67
N SER A 34 16.85 1.99 -3.69
CA SER A 34 15.47 2.39 -3.89
CA SER A 34 15.49 2.40 -3.99
C SER A 34 14.65 1.16 -4.28
C SER A 34 14.64 1.20 -4.39
N HIS A 35 13.33 1.25 -4.11
CA HIS A 35 12.32 0.28 -4.52
C HIS A 35 12.69 -1.19 -4.33
N VAL A 36 12.74 -1.61 -3.08
CA VAL A 36 13.00 -3.01 -2.77
C VAL A 36 11.69 -3.67 -2.40
N ALA A 37 11.40 -4.82 -3.04
CA ALA A 37 10.23 -5.64 -2.79
C ALA A 37 10.67 -6.83 -1.97
N VAL A 38 9.82 -7.23 -1.04
CA VAL A 38 10.13 -8.30 -0.10
C VAL A 38 9.29 -9.52 -0.39
N TYR A 39 9.93 -10.70 -0.43
CA TYR A 39 9.30 -12.00 -0.62
C TYR A 39 9.64 -12.88 0.59
N GLN A 40 8.78 -13.86 0.89
CA GLN A 40 8.96 -14.77 2.01
C GLN A 40 8.86 -16.21 1.51
N PHE A 41 9.79 -17.06 1.92
CA PHE A 41 9.78 -18.46 1.48
C PHE A 41 9.06 -19.30 2.50
N ASP A 42 7.94 -19.87 2.06
CA ASP A 42 7.10 -20.73 2.90
C ASP A 42 7.67 -22.14 2.92
N VAL A 43 8.54 -22.43 3.91
CA VAL A 43 9.11 -23.77 4.09
C VAL A 43 7.95 -24.64 4.59
N GLY A 44 7.84 -25.85 4.05
CA GLY A 44 6.75 -26.76 4.33
C GLY A 44 5.77 -26.78 3.17
N SER A 45 5.66 -25.64 2.46
CA SER A 45 4.84 -25.44 1.27
C SER A 45 5.77 -25.36 0.04
N GLN A 46 7.07 -25.09 0.28
CA GLN A 46 8.17 -24.95 -0.68
C GLN A 46 7.84 -23.94 -1.81
N LYS A 47 7.24 -22.81 -1.45
CA LYS A 47 6.86 -21.76 -2.40
C LYS A 47 7.21 -20.38 -1.85
N TRP A 48 7.55 -19.44 -2.75
CA TRP A 48 7.82 -18.05 -2.44
C TRP A 48 6.49 -17.31 -2.47
N LEU A 49 6.34 -16.33 -1.58
CA LEU A 49 5.16 -15.49 -1.50
C LEU A 49 5.63 -14.04 -1.53
N LYS A 50 5.02 -13.22 -2.38
CA LYS A 50 5.32 -11.78 -2.46
C LYS A 50 4.59 -11.12 -1.29
N THR A 51 5.34 -10.43 -0.38
CA THR A 51 4.69 -9.77 0.76
C THR A 51 4.12 -8.39 0.31
N SER A 52 3.46 -7.67 1.21
CA SER A 52 2.94 -6.34 0.85
C SER A 52 3.97 -5.23 1.11
N ILE A 53 5.20 -5.60 1.54
CA ILE A 53 6.22 -4.58 1.92
C ILE A 53 7.02 -4.25 0.68
N GLU A 54 7.08 -2.97 0.34
CA GLU A 54 7.86 -2.49 -0.79
C GLU A 54 8.23 -1.05 -0.43
N GLY A 55 9.49 -0.71 -0.60
CA GLY A 55 9.92 0.65 -0.32
C GLY A 55 11.42 0.80 -0.31
N THR A 56 11.84 1.94 0.24
CA THR A 56 13.25 2.22 0.32
C THR A 56 13.90 1.27 1.30
N PHE A 57 15.04 0.75 0.91
CA PHE A 57 15.82 -0.16 1.74
C PHE A 57 16.98 0.65 2.32
N PHE A 58 17.13 0.59 3.62
CA PHE A 58 18.22 1.25 4.32
C PHE A 58 19.07 0.18 5.03
N LEU A 59 20.36 0.11 4.69
CA LEU A 59 21.24 -0.78 5.43
C LEU A 59 21.69 0.08 6.60
N VAL A 60 21.56 -0.43 7.84
CA VAL A 60 21.83 0.37 9.05
C VAL A 60 22.69 -0.33 10.05
N LYS A 61 23.23 0.44 11.00
CA LYS A 61 23.96 -0.17 12.11
C LYS A 61 23.36 0.42 13.37
N ASP A 62 23.28 -0.39 14.41
CA ASP A 62 22.68 0.10 15.64
C ASP A 62 23.73 0.68 16.56
N GLN A 63 23.30 1.13 17.76
CA GLN A 63 24.18 1.75 18.74
C GLN A 63 25.16 0.74 19.39
N ARG A 64 25.16 -0.52 18.92
CA ARG A 64 26.05 -1.60 19.34
C ARG A 64 26.85 -2.14 18.13
N ALA A 65 26.82 -1.40 16.98
CA ALA A 65 27.48 -1.70 15.70
C ALA A 65 26.96 -2.98 15.01
N ARG A 66 25.75 -3.43 15.38
CA ARG A 66 25.12 -4.59 14.73
C ARG A 66 24.48 -4.09 13.45
N VAL A 67 24.65 -4.84 12.38
CA VAL A 67 24.17 -4.51 11.05
C VAL A 67 22.75 -5.07 10.81
N GLY A 68 21.94 -4.27 10.14
CA GLY A 68 20.58 -4.68 9.83
C GLY A 68 20.07 -3.87 8.66
N TYR A 69 18.78 -3.99 8.40
CA TYR A 69 18.16 -3.18 7.35
C TYR A 69 16.72 -2.89 7.66
N VAL A 70 16.28 -1.74 7.16
CA VAL A 70 14.87 -1.35 7.29
C VAL A 70 14.34 -1.16 5.90
N ILE A 71 13.13 -1.67 5.65
CA ILE A 71 12.43 -1.35 4.41
C ILE A 71 11.26 -0.47 4.91
N LEU A 72 11.25 0.80 4.47
CA LEU A 72 10.30 1.81 4.88
C LEU A 72 9.16 1.68 3.94
N ASN A 73 8.10 1.01 4.41
CA ASN A 73 7.04 0.52 3.56
C ASN A 73 6.16 1.61 2.95
N ARG A 74 6.00 1.58 1.62
CA ARG A 74 5.11 2.55 0.99
C ARG A 74 3.62 2.15 1.20
N ASN A 75 3.35 0.85 1.41
CA ASN A 75 2.00 0.28 1.39
C ASN A 75 1.25 0.31 2.71
N SER A 76 1.94 0.48 3.81
CA SER A 76 1.33 0.57 5.14
C SER A 76 2.39 1.05 6.11
N PRO A 77 1.99 1.41 7.35
CA PRO A 77 2.99 1.88 8.33
C PRO A 77 3.85 0.74 8.88
N GLU A 78 3.51 -0.50 8.54
CA GLU A 78 4.26 -1.68 9.02
C GLU A 78 5.50 -1.81 8.16
N ASN A 79 6.65 -1.49 8.74
CA ASN A 79 7.92 -1.62 8.00
C ASN A 79 8.55 -2.99 8.29
N LEU A 80 9.76 -3.20 7.77
CA LEU A 80 10.49 -4.43 8.07
C LEU A 80 11.86 -4.02 8.54
N TYR A 81 12.24 -4.42 9.77
CA TYR A 81 13.55 -4.12 10.30
C TYR A 81 14.12 -5.46 10.76
N LEU A 82 15.16 -5.93 10.06
CA LEU A 82 15.81 -7.19 10.42
C LEU A 82 17.29 -6.97 10.68
N PHE A 83 17.91 -7.84 11.48
CA PHE A 83 19.35 -7.77 11.65
C PHE A 83 19.97 -8.79 10.71
N ILE A 84 21.24 -8.57 10.34
CA ILE A 84 21.99 -9.58 9.59
C ILE A 84 23.01 -10.05 10.62
N ASN A 85 22.73 -11.19 11.22
CA ASN A 85 23.52 -11.71 12.33
C ASN A 85 24.79 -12.40 11.87
N HIS A 86 24.75 -13.14 10.74
CA HIS A 86 25.92 -13.84 10.19
C HIS A 86 25.99 -13.54 8.70
N PRO A 87 27.14 -13.00 8.21
CA PRO A 87 27.23 -12.62 6.77
C PRO A 87 26.95 -13.76 5.80
N SER A 88 27.31 -15.00 6.17
CA SER A 88 27.09 -16.20 5.34
C SER A 88 25.61 -16.56 5.15
N ASN A 89 24.71 -15.94 5.93
CA ASN A 89 23.28 -16.18 5.79
C ASN A 89 22.67 -15.28 4.71
N VAL A 90 23.50 -14.42 4.10
CA VAL A 90 23.03 -13.55 3.02
C VAL A 90 23.69 -14.07 1.78
N HIS A 91 22.89 -14.46 0.80
CA HIS A 91 23.35 -15.02 -0.48
C HIS A 91 22.78 -14.24 -1.63
N LEU A 92 23.59 -14.01 -2.68
CA LEU A 92 23.11 -13.31 -3.88
C LEU A 92 22.81 -14.48 -4.82
N VAL A 93 21.52 -14.74 -5.06
CA VAL A 93 21.10 -15.86 -5.90
C VAL A 93 20.31 -15.28 -7.06
N ASP A 94 20.84 -15.44 -8.29
CA ASP A 94 20.23 -14.91 -9.52
C ASP A 94 20.08 -13.38 -9.38
N ARG A 95 18.86 -12.86 -9.42
CA ARG A 95 18.51 -11.45 -9.35
C ARG A 95 18.12 -11.01 -7.91
N TYR A 96 18.29 -11.89 -6.93
CA TYR A 96 17.82 -11.62 -5.57
C TYR A 96 18.83 -11.72 -4.46
N LEU A 97 18.57 -11.01 -3.35
CA LEU A 97 19.35 -11.19 -2.13
C LEU A 97 18.50 -12.07 -1.25
N ILE A 98 19.04 -13.24 -0.87
CA ILE A 98 18.34 -14.21 -0.02
C ILE A 98 18.91 -14.14 1.37
N HIS A 99 18.02 -13.91 2.35
CA HIS A 99 18.44 -13.74 3.72
C HIS A 99 17.84 -14.86 4.55
N ARG A 100 18.70 -15.73 5.08
CA ARG A 100 18.25 -16.84 5.92
C ARG A 100 18.49 -16.52 7.36
N THR A 101 17.49 -16.77 8.19
CA THR A 101 17.59 -16.77 9.65
C THR A 101 17.49 -18.25 10.06
N GLU A 102 18.48 -18.72 10.84
CA GLU A 102 18.76 -20.10 11.30
C GLU A 102 17.61 -21.14 11.17
N ASN A 103 16.41 -20.86 11.68
CA ASN A 103 15.29 -21.82 11.65
C ASN A 103 14.53 -21.92 10.32
N GLN A 104 15.24 -21.93 9.17
CA GLN A 104 14.66 -22.00 7.82
C GLN A 104 13.56 -20.92 7.59
N HIS A 105 13.80 -19.70 8.12
CA HIS A 105 12.93 -18.53 7.97
C HIS A 105 13.67 -17.64 7.02
N VAL A 106 13.28 -17.68 5.75
CA VAL A 106 13.96 -17.06 4.62
C VAL A 106 13.18 -15.94 3.94
N VAL A 107 13.84 -14.80 3.75
N VAL A 107 13.86 -14.80 3.74
CA VAL A 107 13.21 -13.71 3.02
CA VAL A 107 13.32 -13.60 3.08
C VAL A 107 14.04 -13.49 1.76
C VAL A 107 14.11 -13.34 1.80
N GLY A 108 13.41 -12.95 0.73
CA GLY A 108 14.05 -12.65 -0.54
C GLY A 108 13.82 -11.18 -0.83
N LEU A 109 14.89 -10.50 -1.29
CA LEU A 109 14.81 -9.08 -1.60
C LEU A 109 15.09 -8.83 -3.05
N TRP A 110 14.19 -8.09 -3.73
CA TRP A 110 14.42 -7.72 -5.11
C TRP A 110 14.66 -6.25 -5.12
N MET A 111 15.84 -5.81 -5.58
N MET A 111 15.86 -5.83 -5.55
CA MET A 111 16.13 -4.39 -5.64
CA MET A 111 16.25 -4.42 -5.68
C MET A 111 15.99 -3.92 -7.06
C MET A 111 15.91 -3.98 -7.09
N PHE A 112 15.20 -2.86 -7.24
CA PHE A 112 14.89 -2.26 -8.54
C PHE A 112 16.16 -2.07 -9.41
N ASP A 113 17.23 -1.52 -8.84
CA ASP A 113 18.47 -1.32 -9.58
C ASP A 113 19.41 -2.53 -9.35
N PRO A 114 19.82 -3.29 -10.41
CA PRO A 114 20.73 -4.44 -10.18
C PRO A 114 22.09 -4.06 -9.55
N ASN A 115 22.58 -2.83 -9.80
CA ASN A 115 23.85 -2.37 -9.20
C ASN A 115 23.76 -2.16 -7.68
N ASP A 116 22.56 -1.86 -7.14
CA ASP A 116 22.40 -1.70 -5.69
C ASP A 116 22.56 -3.05 -5.02
N MET A 117 22.01 -4.09 -5.62
CA MET A 117 22.01 -5.46 -5.12
C MET A 117 23.44 -5.95 -4.87
N SER A 118 24.29 -5.84 -5.91
CA SER A 118 25.64 -6.32 -5.78
C SER A 118 26.48 -5.44 -4.87
N ARG A 119 26.20 -4.09 -4.82
CA ARG A 119 26.93 -3.19 -3.91
C ARG A 119 26.50 -3.49 -2.47
N ILE A 120 25.19 -3.63 -2.22
CA ILE A 120 24.64 -3.90 -0.88
C ILE A 120 25.17 -5.26 -0.38
N PHE A 121 25.19 -6.27 -1.24
CA PHE A 121 25.77 -7.60 -0.89
C PHE A 121 27.17 -7.34 -0.35
N ASN A 122 28.04 -6.64 -1.12
CA ASN A 122 29.39 -6.41 -0.64
C ASN A 122 29.43 -5.63 0.66
N ILE A 123 28.63 -4.57 0.76
CA ILE A 123 28.63 -3.72 1.94
C ILE A 123 28.14 -4.51 3.18
N VAL A 124 27.18 -5.42 3.01
CA VAL A 124 26.73 -6.31 4.11
C VAL A 124 27.92 -7.10 4.60
N LYS A 125 28.65 -7.78 3.66
CA LYS A 125 29.80 -8.59 4.03
C LYS A 125 30.91 -7.78 4.73
N GLU A 126 31.22 -6.60 4.22
CA GLU A 126 32.28 -5.78 4.80
C GLU A 126 31.86 -5.07 6.09
N SER A 127 30.56 -4.71 6.23
CA SER A 127 30.06 -4.09 7.45
C SER A 127 30.13 -5.10 8.61
N LEU A 128 30.02 -6.41 8.30
CA LEU A 128 30.11 -7.52 9.26
C LEU A 128 31.54 -8.11 9.40
N LEU A 129 32.49 -7.60 8.63
CA LEU A 129 33.89 -8.07 8.64
C LEU A 129 34.60 -7.77 9.96
N ARG A 130 35.15 -8.82 10.58
CA ARG A 130 35.88 -8.79 11.85
C ARG A 130 37.24 -9.46 11.66
N SER B 2 4.39 3.98 15.83
CA SER B 2 3.22 4.80 15.47
C SER B 2 3.57 6.28 15.34
N PHE B 3 2.67 7.07 14.75
CA PHE B 3 2.87 8.53 14.58
C PHE B 3 2.15 9.39 15.63
N THR B 4 1.55 8.81 16.67
CA THR B 4 0.82 9.60 17.68
C THR B 4 1.60 10.81 18.28
N ASN B 5 2.92 10.64 18.47
CA ASN B 5 3.79 11.63 19.08
C ASN B 5 4.68 12.42 18.11
N ALA B 6 4.47 12.27 16.81
CA ALA B 6 5.27 12.97 15.81
C ALA B 6 4.76 14.40 15.65
N THR B 7 5.66 15.33 15.34
CA THR B 7 5.26 16.69 15.00
C THR B 7 4.82 16.62 13.52
N PHE B 8 4.12 17.64 13.05
CA PHE B 8 3.75 17.70 11.64
C PHE B 8 5.01 17.69 10.79
N SER B 9 6.07 18.42 11.20
CA SER B 9 7.31 18.43 10.40
C SER B 9 7.91 17.01 10.30
N GLN B 10 7.87 16.24 11.42
CA GLN B 10 8.39 14.85 11.43
C GLN B 10 7.55 13.98 10.50
N VAL B 11 6.24 14.23 10.45
CA VAL B 11 5.37 13.46 9.52
C VAL B 11 5.76 13.69 8.07
N LEU B 12 5.94 14.97 7.68
CA LEU B 12 6.37 15.32 6.32
C LEU B 12 7.77 14.79 6.07
N ASP B 13 8.67 14.80 7.08
CA ASP B 13 10.02 14.21 6.88
C ASP B 13 9.84 12.72 6.52
N ASP B 14 9.02 12.03 7.30
CA ASP B 14 8.75 10.58 7.08
C ASP B 14 8.21 10.33 5.67
N LEU B 15 7.17 11.11 5.30
CA LEU B 15 6.57 10.92 3.98
C LEU B 15 7.58 11.25 2.88
N SER B 16 8.43 12.27 3.08
N SER B 16 8.43 12.26 3.09
CA SER B 16 9.46 12.59 2.08
CA SER B 16 9.47 12.62 2.13
C SER B 16 10.40 11.40 1.92
C SER B 16 10.43 11.46 1.93
N ALA B 17 10.94 10.88 3.04
CA ALA B 17 11.86 9.73 2.94
C ALA B 17 11.18 8.50 2.34
N ARG B 18 9.92 8.30 2.72
CA ARG B 18 9.19 7.10 2.30
C ARG B 18 8.77 7.14 0.83
N PHE B 19 8.54 8.37 0.25
CA PHE B 19 7.98 8.41 -1.10
C PHE B 19 8.79 9.13 -2.16
N ILE B 20 9.52 10.21 -1.78
CA ILE B 20 10.16 11.00 -2.82
C ILE B 20 11.65 11.23 -2.72
N LEU B 21 12.20 11.28 -1.50
N LEU B 21 12.21 11.32 -1.50
CA LEU B 21 13.61 11.63 -1.37
CA LEU B 21 13.62 11.65 -1.26
C LEU B 21 14.60 10.63 -1.94
C LEU B 21 14.66 10.63 -1.74
N ASN B 22 14.29 9.35 -1.81
CA ASN B 22 15.21 8.25 -2.16
C ASN B 22 14.92 7.63 -3.51
N LEU B 23 14.14 8.29 -4.35
CA LEU B 23 13.81 7.75 -5.68
C LEU B 23 14.98 7.67 -6.62
N PRO B 24 14.96 6.75 -7.63
CA PRO B 24 16.03 6.79 -8.65
C PRO B 24 15.85 8.10 -9.44
N ALA B 25 16.97 8.69 -9.91
CA ALA B 25 17.05 9.98 -10.62
C ALA B 25 16.02 10.18 -11.73
N GLU B 26 15.84 9.18 -12.63
CA GLU B 26 14.86 9.29 -13.72
C GLU B 26 13.42 9.50 -13.19
N GLU B 27 13.06 8.81 -12.09
CA GLU B 27 11.69 8.93 -11.55
C GLU B 27 11.53 10.28 -10.86
N GLN B 28 12.57 10.69 -10.13
CA GLN B 28 12.59 11.93 -9.35
C GLN B 28 12.59 13.20 -10.21
N SER B 29 12.96 13.10 -11.49
CA SER B 29 13.02 14.28 -12.37
C SER B 29 11.78 14.41 -13.27
N SER B 30 10.81 13.46 -13.13
CA SER B 30 9.55 13.42 -13.87
C SER B 30 8.43 14.01 -13.04
N VAL B 31 7.78 15.08 -13.56
CA VAL B 31 6.64 15.68 -12.85
C VAL B 31 5.59 14.57 -12.65
N GLU B 32 5.31 13.78 -13.69
CA GLU B 32 4.29 12.73 -13.64
C GLU B 32 4.61 11.69 -12.56
N ARG B 33 5.83 11.16 -12.59
CA ARG B 33 6.22 10.11 -11.66
C ARG B 33 6.30 10.63 -10.25
N LEU B 34 6.76 11.89 -10.06
CA LEU B 34 6.76 12.46 -8.71
C LEU B 34 5.34 12.60 -8.22
N CYS B 35 4.41 13.02 -9.11
CA CYS B 35 3.01 13.14 -8.75
C CYS B 35 2.38 11.82 -8.33
N PHE B 36 2.74 10.72 -8.99
CA PHE B 36 2.20 9.43 -8.56
C PHE B 36 2.69 9.12 -7.13
N GLN B 37 3.95 9.48 -6.82
CA GLN B 37 4.45 9.29 -5.46
C GLN B 37 3.73 10.20 -4.46
N ILE B 38 3.49 11.46 -4.85
CA ILE B 38 2.80 12.43 -4.01
C ILE B 38 1.37 11.93 -3.71
N GLU B 39 0.69 11.38 -4.73
CA GLU B 39 -0.68 10.86 -4.54
C GLU B 39 -0.67 9.71 -3.52
N GLN B 40 0.31 8.81 -3.59
CA GLN B 40 0.35 7.72 -2.63
C GLN B 40 0.73 8.27 -1.25
N ALA B 41 1.63 9.27 -1.20
CA ALA B 41 2.01 9.86 0.10
C ALA B 41 0.79 10.50 0.77
N HIS B 42 -0.05 11.18 -0.02
CA HIS B 42 -1.25 11.85 0.47
C HIS B 42 -2.23 10.81 1.04
N TRP B 43 -2.39 9.71 0.31
CA TRP B 43 -3.22 8.58 0.75
C TRP B 43 -2.69 8.06 2.11
N PHE B 44 -1.36 7.81 2.20
CA PHE B 44 -0.73 7.32 3.43
C PHE B 44 -0.98 8.30 4.59
N TYR B 45 -0.78 9.60 4.32
CA TYR B 45 -1.00 10.66 5.30
C TYR B 45 -2.45 10.64 5.78
N GLU B 46 -3.41 10.67 4.84
CA GLU B 46 -4.83 10.75 5.20
C GLU B 46 -5.38 9.50 5.86
N ASP B 47 -5.06 8.32 5.31
CA ASP B 47 -5.65 7.08 5.77
C ASP B 47 -4.91 6.33 6.87
N PHE B 48 -3.60 6.62 7.09
CA PHE B 48 -2.86 6.00 8.18
C PHE B 48 -2.44 6.97 9.24
N ILE B 49 -1.77 8.06 8.85
CA ILE B 49 -1.16 8.99 9.80
C ILE B 49 -2.20 9.83 10.54
N ARG B 50 -3.15 10.47 9.82
CA ARG B 50 -4.17 11.31 10.47
C ARG B 50 -5.07 10.47 11.40
N ALA B 51 -5.13 9.13 11.18
CA ALA B 51 -5.91 8.22 12.03
C ALA B 51 -5.28 8.13 13.41
N GLN B 52 -3.94 8.21 13.48
CA GLN B 52 -3.20 8.15 14.72
C GLN B 52 -3.04 9.53 15.39
N ASN B 53 -3.29 10.63 14.66
CA ASN B 53 -3.22 11.97 15.22
C ASN B 53 -4.18 12.90 14.49
N ASP B 54 -5.41 13.05 15.06
CA ASP B 54 -6.47 13.91 14.54
C ASP B 54 -6.11 15.40 14.63
N GLN B 55 -5.04 15.77 15.36
CA GLN B 55 -4.58 17.17 15.45
C GLN B 55 -3.84 17.58 14.17
N LEU B 56 -3.41 16.58 13.35
CA LEU B 56 -2.75 16.87 12.09
C LEU B 56 -3.81 17.40 11.12
N PRO B 57 -3.47 18.40 10.30
CA PRO B 57 -4.50 19.00 9.43
C PRO B 57 -4.93 18.16 8.23
N SER B 58 -6.22 18.25 7.86
CA SER B 58 -6.69 17.60 6.65
C SER B 58 -6.15 18.50 5.57
N LEU B 59 -5.53 17.91 4.54
CA LEU B 59 -4.92 18.72 3.49
C LEU B 59 -5.44 18.27 2.16
N GLY B 60 -5.66 19.23 1.28
CA GLY B 60 -6.03 18.93 -0.10
C GLY B 60 -4.78 18.44 -0.80
N LEU B 61 -4.94 17.61 -1.85
CA LEU B 61 -3.80 17.05 -2.60
C LEU B 61 -2.76 18.11 -3.02
N ARG B 62 -3.20 19.24 -3.56
CA ARG B 62 -2.26 20.28 -3.97
C ARG B 62 -1.54 20.96 -2.80
N VAL B 63 -2.26 21.31 -1.71
CA VAL B 63 -1.68 21.95 -0.52
C VAL B 63 -0.62 20.97 0.09
N PHE B 64 -1.02 19.70 0.12
CA PHE B 64 -0.15 18.62 0.62
C PHE B 64 1.16 18.55 -0.20
N SER B 65 1.04 18.51 -1.54
CA SER B 65 2.21 18.44 -2.43
C SER B 65 3.24 19.59 -2.17
N ALA B 66 2.74 20.85 -2.07
CA ALA B 66 3.58 22.04 -1.81
C ALA B 66 4.30 21.91 -0.49
N LYS B 67 3.62 21.40 0.57
CA LYS B 67 4.24 21.21 1.89
C LYS B 67 5.27 20.14 1.86
N LEU B 68 4.98 19.01 1.17
CA LEU B 68 5.91 17.90 1.10
C LEU B 68 7.23 18.27 0.42
N PHE B 69 7.15 19.05 -0.67
CA PHE B 69 8.34 19.40 -1.44
C PHE B 69 9.43 20.08 -0.61
N ALA B 70 9.00 20.86 0.39
CA ALA B 70 9.84 21.57 1.34
C ALA B 70 10.66 20.62 2.21
N HIS B 71 10.29 19.35 2.29
CA HIS B 71 10.98 18.37 3.12
C HIS B 71 11.87 17.43 2.32
N CYS B 72 11.99 17.73 1.01
CA CYS B 72 12.85 17.00 0.09
C CYS B 72 13.87 18.04 -0.38
N PRO B 73 14.98 18.22 0.40
CA PRO B 73 15.95 19.28 0.10
C PRO B 73 16.28 19.48 -1.38
N LEU B 74 16.60 18.37 -2.06
CA LEU B 74 16.94 18.27 -3.48
C LEU B 74 15.86 18.82 -4.42
N LEU B 75 14.61 18.99 -3.96
CA LEU B 75 13.51 19.33 -4.87
C LEU B 75 12.70 20.62 -4.63
N TRP B 76 12.77 21.30 -3.46
CA TRP B 76 11.93 22.49 -3.25
C TRP B 76 12.03 23.56 -4.36
N LYS B 77 13.26 24.04 -4.65
CA LYS B 77 13.52 25.07 -5.66
C LYS B 77 13.12 24.61 -7.07
N TRP B 78 13.48 23.36 -7.44
CA TRP B 78 13.11 22.76 -8.73
C TRP B 78 11.58 22.65 -8.83
N SER B 79 10.89 22.28 -7.73
CA SER B 79 9.42 22.15 -7.73
C SER B 79 8.76 23.50 -7.94
N LYS B 80 9.41 24.58 -7.47
CA LYS B 80 8.91 25.94 -7.65
C LYS B 80 8.99 26.36 -9.13
N VAL B 81 10.10 26.03 -9.85
N VAL B 81 10.09 26.00 -9.83
CA VAL B 81 10.24 26.39 -11.27
CA VAL B 81 10.32 26.29 -11.25
C VAL B 81 9.28 25.57 -12.16
C VAL B 81 9.27 25.57 -12.11
N HIS B 82 8.88 24.34 -11.70
CA HIS B 82 7.92 23.50 -12.41
C HIS B 82 6.54 23.55 -11.72
N GLU B 83 6.27 24.62 -10.93
CA GLU B 83 5.03 24.82 -10.15
C GLU B 83 3.76 24.66 -10.99
N GLU B 84 3.74 25.28 -12.19
CA GLU B 84 2.60 25.22 -13.11
C GLU B 84 2.30 23.78 -13.48
N ALA B 85 3.34 22.98 -13.81
CA ALA B 85 3.21 21.56 -14.18
C ALA B 85 2.60 20.74 -13.02
N PHE B 86 3.03 20.99 -11.79
CA PHE B 86 2.48 20.31 -10.60
C PHE B 86 1.03 20.74 -10.37
N ASP B 87 0.75 22.04 -10.42
CA ASP B 87 -0.62 22.56 -10.30
C ASP B 87 -1.53 21.82 -11.30
N ASP B 88 -1.09 21.79 -12.58
CA ASP B 88 -1.81 21.18 -13.70
C ASP B 88 -2.01 19.68 -13.52
N PHE B 89 -0.92 18.94 -13.26
CA PHE B 89 -1.05 17.50 -13.07
C PHE B 89 -2.01 17.12 -11.94
N LEU B 90 -1.89 17.80 -10.78
CA LEU B 90 -2.71 17.45 -9.60
C LEU B 90 -4.13 18.03 -9.58
N ARG B 91 -4.43 18.99 -10.45
CA ARG B 91 -5.77 19.55 -10.50
C ARG B 91 -6.76 18.43 -10.93
N TYR B 92 -7.88 18.32 -10.20
CA TYR B 92 -8.96 17.39 -10.46
C TYR B 92 -8.60 15.93 -10.22
N LYS B 93 -7.43 15.64 -9.61
CA LYS B 93 -7.05 14.26 -9.33
C LYS B 93 -7.83 13.66 -8.17
N THR B 94 -8.15 14.49 -7.16
CA THR B 94 -8.92 14.01 -6.01
C THR B 94 -10.42 13.92 -6.31
N ARG B 95 -11.03 12.90 -5.71
CA ARG B 95 -12.45 12.60 -5.85
C ARG B 95 -13.07 12.53 -4.48
N ILE B 96 -14.38 12.76 -4.39
CA ILE B 96 -15.13 12.67 -3.14
C ILE B 96 -15.10 11.20 -2.69
N PRO B 97 -14.72 10.85 -1.44
CA PRO B 97 -14.70 9.43 -1.05
C PRO B 97 -16.02 8.72 -1.34
N VAL B 98 -15.93 7.45 -1.73
CA VAL B 98 -17.08 6.65 -2.06
C VAL B 98 -17.18 5.49 -1.06
N ARG B 99 -18.41 5.19 -0.56
CA ARG B 99 -18.59 4.06 0.35
C ARG B 99 -19.76 3.21 -0.06
N GLY B 100 -19.67 1.94 0.25
CA GLY B 100 -20.73 1.00 -0.07
C GLY B 100 -20.51 -0.32 0.60
N ALA B 101 -20.97 -1.40 -0.05
CA ALA B 101 -20.80 -2.69 0.59
C ALA B 101 -20.59 -3.81 -0.37
N ILE B 102 -19.92 -4.85 0.15
CA ILE B 102 -19.77 -6.15 -0.52
C ILE B 102 -20.71 -7.01 0.31
N MET B 103 -21.90 -7.28 -0.25
N MET B 103 -21.91 -7.27 -0.24
CA MET B 103 -22.90 -8.09 0.44
CA MET B 103 -22.97 -8.05 0.41
C MET B 103 -22.73 -9.50 -0.02
C MET B 103 -22.86 -9.51 -0.01
N LEU B 104 -22.50 -10.40 0.95
CA LEU B 104 -22.31 -11.81 0.68
C LEU B 104 -23.45 -12.59 1.24
N ASP B 105 -23.72 -13.77 0.64
CA ASP B 105 -24.72 -14.64 1.20
C ASP B 105 -24.12 -15.36 2.43
N MET B 106 -24.89 -16.26 3.08
CA MET B 106 -24.43 -16.98 4.27
C MET B 106 -23.16 -17.81 4.01
N SER B 107 -23.14 -18.52 2.87
CA SER B 107 -21.98 -19.37 2.51
C SER B 107 -20.77 -18.57 2.01
N MET B 108 -20.95 -17.26 1.76
CA MET B 108 -19.90 -16.36 1.23
C MET B 108 -19.42 -16.80 -0.15
N GLN B 109 -20.35 -17.32 -0.96
CA GLN B 109 -20.02 -17.75 -2.31
C GLN B 109 -20.54 -16.78 -3.33
N GLN B 110 -21.52 -15.94 -2.94
CA GLN B 110 -22.24 -14.99 -3.83
C GLN B 110 -22.10 -13.59 -3.35
N CYS B 111 -22.03 -12.64 -4.28
CA CYS B 111 -21.96 -11.24 -3.89
C CYS B 111 -22.96 -10.45 -4.75
N VAL B 112 -23.48 -9.33 -4.22
CA VAL B 112 -24.42 -8.46 -4.91
C VAL B 112 -23.64 -7.45 -5.73
N LEU B 113 -23.93 -7.38 -7.05
CA LEU B 113 -23.30 -6.41 -7.93
C LEU B 113 -24.40 -5.64 -8.63
N VAL B 114 -24.11 -4.38 -9.00
CA VAL B 114 -25.06 -3.52 -9.70
C VAL B 114 -24.50 -3.08 -11.08
N LYS B 115 -25.38 -2.82 -12.05
CA LYS B 115 -24.92 -2.44 -13.38
C LYS B 115 -25.95 -1.51 -14.00
N GLY B 116 -25.52 -0.72 -14.98
CA GLY B 116 -26.38 0.14 -15.80
C GLY B 116 -26.94 -0.64 -16.98
N TRP B 117 -27.80 0.02 -17.77
CA TRP B 117 -28.42 -0.65 -18.92
C TRP B 117 -27.49 -0.86 -20.13
N LYS B 118 -26.48 0.03 -20.32
CA LYS B 118 -25.56 0.00 -21.46
C LYS B 118 -24.70 -1.27 -21.56
N ALA B 119 -24.31 -1.62 -22.81
CA ALA B 119 -23.45 -2.75 -23.14
C ALA B 119 -22.01 -2.50 -22.63
N SER B 120 -21.57 -1.22 -22.70
CA SER B 120 -20.26 -0.76 -22.25
C SER B 120 -20.16 -0.61 -20.72
N SER B 121 -21.31 -0.47 -20.02
CA SER B 121 -21.34 -0.28 -18.58
C SER B 121 -20.90 -1.55 -17.85
N GLY B 122 -20.03 -1.38 -16.88
CA GLY B 122 -19.54 -2.53 -16.13
C GLY B 122 -20.25 -2.73 -14.81
N TRP B 123 -20.11 -3.94 -14.26
CA TRP B 123 -20.64 -4.29 -12.94
C TRP B 123 -19.79 -3.64 -11.87
N GLY B 124 -20.41 -3.28 -10.75
CA GLY B 124 -19.68 -2.70 -9.63
C GLY B 124 -20.41 -3.01 -8.35
N PHE B 125 -19.73 -2.81 -7.22
CA PHE B 125 -20.40 -3.00 -5.95
C PHE B 125 -21.35 -1.79 -5.69
N PRO B 126 -22.48 -1.98 -4.95
CA PRO B 126 -23.37 -0.83 -4.67
C PRO B 126 -22.65 0.18 -3.80
N LYS B 127 -22.58 1.44 -4.24
CA LYS B 127 -21.78 2.45 -3.52
C LYS B 127 -22.08 3.85 -4.05
N GLY B 128 -21.53 4.86 -3.37
CA GLY B 128 -21.66 6.26 -3.77
C GLY B 128 -20.88 7.21 -2.90
N LYS B 129 -20.94 8.50 -3.27
CA LYS B 129 -20.22 9.63 -2.65
C LYS B 129 -20.67 9.95 -1.23
N ILE B 130 -19.71 10.27 -0.36
CA ILE B 130 -20.00 10.64 1.02
C ILE B 130 -20.52 12.07 1.12
N ASP B 131 -21.50 12.30 2.00
CA ASP B 131 -22.05 13.63 2.29
C ASP B 131 -21.24 14.25 3.43
N LYS B 132 -21.30 15.58 3.57
CA LYS B 132 -20.56 16.37 4.58
C LYS B 132 -20.85 15.98 6.04
N ASP B 133 -22.04 15.47 6.32
CA ASP B 133 -22.43 15.10 7.67
C ASP B 133 -22.04 13.65 8.08
N GLU B 134 -22.59 12.64 7.39
CA GLU B 134 -22.47 11.21 7.67
C GLU B 134 -21.05 10.65 7.90
N SER B 135 -21.00 9.59 8.73
CA SER B 135 -19.82 8.81 9.03
C SER B 135 -19.58 7.91 7.81
N ASP B 136 -18.38 7.31 7.69
CA ASP B 136 -18.13 6.37 6.58
C ASP B 136 -19.17 5.23 6.56
N VAL B 137 -19.53 4.71 7.76
CA VAL B 137 -20.49 3.61 7.88
C VAL B 137 -21.89 4.01 7.42
N ASP B 138 -22.35 5.19 7.86
CA ASP B 138 -23.67 5.68 7.49
C ASP B 138 -23.76 5.98 6.00
N CYS B 139 -22.63 6.41 5.39
CA CYS B 139 -22.60 6.62 3.93
C CYS B 139 -22.86 5.31 3.21
N ALA B 140 -22.14 4.24 3.61
CA ALA B 140 -22.33 2.90 3.01
C ALA B 140 -23.79 2.41 3.16
N ILE B 141 -24.39 2.58 4.37
CA ILE B 141 -25.77 2.16 4.57
C ILE B 141 -26.70 2.87 3.58
N ARG B 142 -26.56 4.21 3.49
CA ARG B 142 -27.41 5.03 2.62
C ARG B 142 -27.28 4.61 1.17
N GLU B 143 -26.04 4.49 0.70
CA GLU B 143 -25.73 4.16 -0.68
C GLU B 143 -26.30 2.80 -1.09
N VAL B 144 -26.11 1.79 -0.22
CA VAL B 144 -26.64 0.44 -0.44
C VAL B 144 -28.16 0.48 -0.50
N TYR B 145 -28.77 1.30 0.35
CA TYR B 145 -30.24 1.42 0.34
C TYR B 145 -30.74 2.06 -0.95
N GLU B 146 -30.14 3.18 -1.37
CA GLU B 146 -30.53 3.88 -2.60
C GLU B 146 -30.35 3.06 -3.87
N GLU B 147 -29.31 2.21 -3.93
CA GLU B 147 -29.03 1.43 -5.12
C GLU B 147 -29.62 0.02 -5.13
N THR B 148 -29.90 -0.57 -3.96
CA THR B 148 -30.43 -1.95 -3.89
C THR B 148 -31.76 -2.12 -3.14
N GLY B 149 -32.21 -1.08 -2.44
CA GLY B 149 -33.44 -1.14 -1.64
C GLY B 149 -33.29 -1.91 -0.34
N PHE B 150 -32.07 -2.36 -0.01
CA PHE B 150 -31.81 -3.14 1.19
C PHE B 150 -31.18 -2.29 2.29
N ASP B 151 -31.74 -2.38 3.52
CA ASP B 151 -31.21 -1.65 4.68
C ASP B 151 -30.26 -2.56 5.45
N CYS B 152 -28.96 -2.30 5.34
CA CYS B 152 -27.94 -3.14 5.99
C CYS B 152 -27.48 -2.64 7.37
N SER B 153 -28.20 -1.63 7.94
N SER B 153 -28.16 -1.61 7.92
CA SER B 153 -27.92 -0.99 9.23
CA SER B 153 -27.83 -0.98 9.22
C SER B 153 -27.64 -1.95 10.38
C SER B 153 -27.62 -1.97 10.38
N SER B 154 -28.49 -3.00 10.52
CA SER B 154 -28.39 -3.99 11.60
C SER B 154 -27.27 -5.04 11.38
N ARG B 155 -26.67 -5.06 10.18
CA ARG B 155 -25.66 -6.05 9.81
C ARG B 155 -24.25 -5.49 9.56
N ILE B 156 -24.15 -4.23 9.15
CA ILE B 156 -22.86 -3.61 8.78
C ILE B 156 -21.88 -3.57 10.01
N ASN B 157 -20.62 -3.99 9.79
CA ASN B 157 -19.60 -4.07 10.82
C ASN B 157 -18.54 -3.03 10.50
N PRO B 158 -18.43 -1.97 11.33
CA PRO B 158 -17.49 -0.87 11.01
C PRO B 158 -16.03 -1.25 10.88
N ASN B 159 -15.66 -2.44 11.38
CA ASN B 159 -14.28 -2.91 11.35
C ASN B 159 -14.00 -3.93 10.28
N GLU B 160 -14.99 -4.26 9.42
CA GLU B 160 -14.78 -5.26 8.38
C GLU B 160 -15.05 -4.60 7.04
N PHE B 161 -13.99 -4.18 6.38
CA PHE B 161 -14.11 -3.49 5.09
C PHE B 161 -12.87 -3.62 4.25
N ILE B 162 -13.00 -3.30 2.96
CA ILE B 162 -11.83 -3.17 2.08
C ILE B 162 -11.86 -1.71 1.63
N ASP B 163 -10.82 -0.96 1.98
CA ASP B 163 -10.74 0.44 1.65
C ASP B 163 -9.65 0.50 0.57
N MET B 164 -10.06 0.77 -0.67
N MET B 164 -10.05 0.75 -0.69
CA MET B 164 -9.22 0.79 -1.84
CA MET B 164 -9.11 0.77 -1.82
C MET B 164 -9.09 2.20 -2.40
C MET B 164 -9.07 2.10 -2.51
N THR B 165 -7.86 2.66 -2.67
CA THR B 165 -7.66 3.96 -3.30
C THR B 165 -7.00 3.74 -4.63
N ILE B 166 -7.65 4.19 -5.71
CA ILE B 166 -7.06 4.08 -7.04
C ILE B 166 -6.85 5.52 -7.54
N ARG B 167 -5.56 5.93 -7.63
CA ARG B 167 -5.13 7.30 -7.97
C ARG B 167 -5.65 8.29 -6.88
N GLY B 168 -6.79 8.92 -7.15
CA GLY B 168 -7.42 9.86 -6.24
C GLY B 168 -8.79 9.45 -5.74
N GLN B 169 -9.33 8.30 -6.25
CA GLN B 169 -10.64 7.76 -5.86
C GLN B 169 -10.55 6.76 -4.72
N ASN B 170 -11.03 7.17 -3.55
CA ASN B 170 -11.02 6.30 -2.40
C ASN B 170 -12.38 5.60 -2.38
N VAL B 171 -12.35 4.27 -2.26
CA VAL B 171 -13.57 3.46 -2.26
C VAL B 171 -13.51 2.55 -1.05
N ARG B 172 -14.42 2.75 -0.07
CA ARG B 172 -14.46 1.87 1.10
C ARG B 172 -15.72 1.05 1.01
N LEU B 173 -15.57 -0.28 0.97
CA LEU B 173 -16.68 -1.19 0.90
C LEU B 173 -16.71 -2.06 2.12
N TYR B 174 -17.81 -1.99 2.89
CA TYR B 174 -18.00 -2.83 4.07
C TYR B 174 -18.37 -4.23 3.70
N ILE B 175 -17.71 -5.25 4.32
CA ILE B 175 -17.98 -6.66 4.02
C ILE B 175 -19.13 -7.13 4.92
N ILE B 176 -20.25 -7.51 4.29
CA ILE B 176 -21.45 -7.90 5.01
C ILE B 176 -21.92 -9.30 4.60
N PRO B 177 -21.49 -10.35 5.33
CA PRO B 177 -21.94 -11.70 5.00
C PRO B 177 -23.31 -12.04 5.61
N GLY B 178 -23.90 -13.15 5.18
CA GLY B 178 -25.18 -13.61 5.73
C GLY B 178 -26.45 -12.93 5.24
N ILE B 179 -26.37 -12.23 4.09
CA ILE B 179 -27.53 -11.56 3.52
C ILE B 179 -28.32 -12.67 2.82
N SER B 180 -29.61 -12.79 3.13
N SER B 180 -29.61 -12.82 3.16
CA SER B 180 -30.49 -13.81 2.56
CA SER B 180 -30.47 -13.87 2.58
C SER B 180 -30.54 -13.72 1.03
C SER B 180 -30.56 -13.75 1.05
N LEU B 181 -30.40 -14.87 0.33
CA LEU B 181 -30.39 -14.91 -1.15
C LEU B 181 -31.73 -14.48 -1.79
N ASP B 182 -32.83 -14.59 -1.05
CA ASP B 182 -34.15 -14.20 -1.56
C ASP B 182 -34.53 -12.74 -1.24
N THR B 183 -33.55 -11.91 -0.80
CA THR B 183 -33.77 -10.49 -0.51
C THR B 183 -34.30 -9.83 -1.78
N ARG B 184 -35.35 -9.04 -1.65
CA ARG B 184 -35.93 -8.39 -2.83
C ARG B 184 -35.22 -7.09 -3.09
N PHE B 185 -34.33 -7.09 -4.08
CA PHE B 185 -33.57 -5.89 -4.40
C PHE B 185 -34.25 -5.08 -5.48
N GLU B 186 -34.23 -3.74 -5.33
CA GLU B 186 -34.81 -2.79 -6.29
C GLU B 186 -34.10 -1.43 -6.25
N SER B 187 -34.03 -0.75 -7.38
CA SER B 187 -33.39 0.57 -7.37
C SER B 187 -34.44 1.59 -6.97
N ARG B 188 -34.28 2.15 -5.76
CA ARG B 188 -35.23 3.09 -5.16
C ARG B 188 -35.25 4.45 -5.86
N THR B 189 -34.10 5.14 -5.98
CA THR B 189 -34.04 6.46 -6.60
C THR B 189 -32.90 6.61 -7.63
N ARG B 190 -32.46 5.50 -8.25
CA ARG B 190 -31.34 5.54 -9.21
C ARG B 190 -31.70 5.08 -10.61
N LYS B 191 -31.56 5.99 -11.58
CA LYS B 191 -31.82 5.76 -13.00
C LYS B 191 -30.65 5.01 -13.65
N GLU B 192 -29.45 5.17 -13.07
CA GLU B 192 -28.20 4.55 -13.54
C GLU B 192 -28.05 3.08 -13.09
N ILE B 193 -28.91 2.62 -12.15
CA ILE B 193 -28.89 1.24 -11.68
C ILE B 193 -30.02 0.50 -12.37
N SER B 194 -29.67 -0.44 -13.28
CA SER B 194 -30.61 -1.23 -14.10
C SER B 194 -30.70 -2.70 -13.68
N LYS B 195 -29.60 -3.26 -13.17
CA LYS B 195 -29.55 -4.66 -12.73
C LYS B 195 -28.96 -4.71 -11.34
N ILE B 196 -29.57 -5.51 -10.43
CA ILE B 196 -29.06 -5.79 -9.08
C ILE B 196 -29.11 -7.30 -8.99
N GLU B 197 -27.94 -7.95 -9.06
CA GLU B 197 -27.93 -9.41 -9.12
C GLU B 197 -26.81 -10.02 -8.34
N TRP B 198 -27.04 -11.25 -7.90
CA TRP B 198 -26.02 -12.03 -7.23
C TRP B 198 -25.10 -12.56 -8.33
N HIS B 199 -23.84 -12.72 -7.98
CA HIS B 199 -22.85 -13.31 -8.86
C HIS B 199 -22.05 -14.28 -8.05
N ASN B 200 -21.77 -15.45 -8.62
CA ASN B 200 -20.96 -16.45 -7.94
C ASN B 200 -19.48 -15.98 -7.98
N LEU B 201 -18.87 -15.74 -6.81
CA LEU B 201 -17.50 -15.22 -6.75
C LEU B 201 -16.46 -15.96 -7.59
N MET B 202 -16.52 -17.29 -7.67
N MET B 202 -16.56 -17.30 -7.68
CA MET B 202 -15.51 -18.04 -8.43
CA MET B 202 -15.67 -18.18 -8.43
C MET B 202 -15.70 -17.92 -9.96
C MET B 202 -15.70 -17.87 -9.94
N ASP B 203 -16.82 -17.30 -10.41
CA ASP B 203 -17.07 -17.04 -11.84
C ASP B 203 -16.49 -15.72 -12.29
N LEU B 204 -16.08 -14.86 -11.35
N LEU B 204 -16.11 -14.84 -11.35
CA LEU B 204 -15.57 -13.54 -11.67
CA LEU B 204 -15.57 -13.52 -11.66
C LEU B 204 -14.10 -13.59 -12.10
C LEU B 204 -14.10 -13.59 -12.10
N PRO B 205 -13.70 -12.79 -13.12
CA PRO B 205 -12.29 -12.86 -13.59
C PRO B 205 -11.30 -12.37 -12.55
N THR B 206 -10.14 -13.03 -12.46
CA THR B 206 -9.08 -12.68 -11.51
C THR B 206 -7.95 -11.92 -12.21
N ASN B 217 -13.57 -5.54 -20.49
CA ASN B 217 -14.02 -6.44 -19.44
C ASN B 217 -15.14 -5.79 -18.62
N LYS B 218 -16.24 -6.54 -18.43
CA LYS B 218 -17.42 -6.08 -17.72
C LYS B 218 -17.21 -6.01 -16.18
N PHE B 219 -16.07 -6.54 -15.65
CA PHE B 219 -15.79 -6.57 -14.21
C PHE B 219 -14.54 -5.75 -13.80
N TYR B 220 -14.14 -4.79 -14.64
CA TYR B 220 -13.00 -3.89 -14.43
C TYR B 220 -12.97 -3.21 -13.04
N MET B 221 -14.12 -2.66 -12.59
CA MET B 221 -14.23 -1.99 -11.28
C MET B 221 -14.17 -2.99 -10.10
N VAL B 222 -14.63 -4.21 -10.31
CA VAL B 222 -14.76 -5.23 -9.26
C VAL B 222 -13.45 -5.96 -8.98
N ILE B 223 -12.66 -6.25 -10.04
CA ILE B 223 -11.43 -7.05 -9.99
C ILE B 223 -10.48 -6.62 -8.86
N PRO B 224 -10.16 -5.30 -8.60
CA PRO B 224 -9.23 -4.98 -7.50
C PRO B 224 -9.66 -5.46 -6.12
N PHE B 225 -10.96 -5.61 -5.90
CA PHE B 225 -11.43 -6.03 -4.58
C PHE B 225 -11.38 -7.54 -4.40
N LEU B 226 -11.25 -8.30 -5.50
CA LEU B 226 -11.37 -9.76 -5.42
C LEU B 226 -10.29 -10.46 -4.64
N ALA B 227 -9.01 -10.07 -4.81
CA ALA B 227 -7.93 -10.71 -4.00
C ALA B 227 -8.12 -10.44 -2.50
N PRO B 228 -8.23 -9.17 -2.00
CA PRO B 228 -8.46 -8.99 -0.56
C PRO B 228 -9.76 -9.64 -0.08
N LEU B 229 -10.83 -9.60 -0.89
CA LEU B 229 -12.08 -10.24 -0.48
C LEU B 229 -11.88 -11.75 -0.29
N LYS B 230 -11.21 -12.42 -1.25
CA LYS B 230 -10.98 -13.87 -1.17
C LYS B 230 -10.12 -14.23 0.03
N LYS B 231 -9.08 -13.40 0.33
CA LYS B 231 -8.22 -13.60 1.50
C LYS B 231 -9.07 -13.47 2.76
N TRP B 232 -9.95 -12.42 2.81
CA TRP B 232 -10.87 -12.19 3.93
C TRP B 232 -11.81 -13.39 4.13
N ILE B 233 -12.42 -13.87 3.04
CA ILE B 233 -13.33 -15.03 3.12
C ILE B 233 -12.58 -16.26 3.64
N LYS B 234 -11.38 -16.53 3.06
CA LYS B 234 -10.52 -17.67 3.44
C LYS B 234 -10.27 -17.63 4.96
N LYS B 235 -9.86 -16.44 5.49
CA LYS B 235 -9.63 -16.21 6.92
C LYS B 235 -10.88 -16.44 7.75
N ARG B 236 -12.05 -16.00 7.25
CA ARG B 236 -13.34 -16.18 7.93
C ARG B 236 -13.77 -17.66 7.96
N ASN B 237 -13.57 -18.39 6.84
CA ASN B 237 -13.91 -19.83 6.72
C ASN B 237 -13.08 -20.65 7.71
N ILE B 238 -11.78 -20.29 7.87
CA ILE B 238 -10.84 -20.94 8.80
C ILE B 238 -11.28 -20.62 10.24
N ALA B 239 -11.61 -19.34 10.51
CA ALA B 239 -12.07 -18.87 11.83
C ALA B 239 -13.42 -19.48 12.23
N ASN B 240 -14.32 -19.74 11.26
CA ASN B 240 -15.63 -20.34 11.49
C ASN B 240 -15.50 -21.83 11.79
N ASN B 241 -14.41 -22.46 11.28
CA ASN B 241 -14.11 -23.88 11.48
C ASN B 241 -13.00 -24.06 12.51
N SER C 1 -9.00 -3.95 5.60
CA SER C 1 -7.72 -3.53 5.01
C SER C 1 -7.79 -2.18 4.30
N ILE C 2 -6.63 -1.52 4.16
CA ILE C 2 -6.52 -0.19 3.54
C ILE C 2 -5.43 -0.36 2.49
N LEU C 3 -5.84 -0.30 1.22
CA LEU C 3 -5.00 -0.62 0.09
C LEU C 3 -4.90 0.49 -0.92
N TYR C 4 -3.76 0.54 -1.62
CA TYR C 4 -3.56 1.54 -2.65
C TYR C 4 -3.22 0.83 -3.96
N ALA C 5 -3.72 1.35 -5.04
CA ALA C 5 -3.45 0.84 -6.38
C ALA C 5 -3.15 2.05 -7.27
N GLY C 6 -1.98 2.06 -7.89
CA GLY C 6 -1.59 3.16 -8.74
C GLY C 6 -0.44 2.76 -9.63
N PRO C 7 -0.13 3.59 -10.63
CA PRO C 7 0.98 3.24 -11.54
C PRO C 7 2.29 3.35 -10.80
N THR C 8 3.19 2.39 -11.06
CA THR C 8 4.51 2.40 -10.43
C THR C 8 5.58 2.44 -11.53
N PHE C 9 6.73 3.04 -11.20
CA PHE C 9 7.88 3.11 -12.13
C PHE C 9 8.56 1.76 -12.08
N THR C 10 8.59 1.18 -10.87
CA THR C 10 9.16 -0.13 -10.56
C THR C 10 8.14 -1.24 -10.83
N HIS C 11 8.63 -2.32 -11.43
CA HIS C 11 7.82 -3.50 -11.64
C HIS C 11 8.57 -4.69 -11.10
N SER C 12 8.21 -5.04 -9.85
CA SER C 12 8.82 -6.16 -9.12
C SER C 12 8.31 -7.46 -9.72
N PRO C 13 9.17 -8.49 -9.85
CA PRO C 13 8.71 -9.74 -10.50
C PRO C 13 7.75 -10.53 -9.63
N ALA C 14 6.97 -11.43 -10.24
CA ALA C 14 6.08 -12.31 -9.50
C ALA C 14 6.96 -13.29 -8.69
N ALA C 15 6.44 -13.76 -7.54
CA ALA C 15 7.12 -14.67 -6.62
C ALA C 15 7.62 -15.98 -7.26
N SER C 16 7.01 -16.39 -8.39
CA SER C 16 7.40 -17.60 -9.13
C SER C 16 8.80 -17.52 -9.75
N ASN C 17 9.33 -16.29 -9.95
CA ASN C 17 10.64 -16.04 -10.56
C ASN C 17 11.79 -16.30 -9.59
N LEU C 18 11.51 -16.28 -8.27
CA LEU C 18 12.55 -16.48 -7.26
C LEU C 18 13.08 -17.93 -7.21
N PRO C 19 14.39 -18.10 -6.97
CA PRO C 19 14.96 -19.45 -6.91
C PRO C 19 14.70 -20.14 -5.57
N ILE C 20 14.57 -21.49 -5.57
CA ILE C 20 14.40 -22.26 -4.32
C ILE C 20 15.72 -22.19 -3.54
N PRO C 21 15.70 -21.79 -2.23
CA PRO C 21 16.97 -21.66 -1.49
C PRO C 21 17.55 -23.01 -1.08
N THR C 22 18.24 -23.67 -2.03
CA THR C 22 18.85 -24.99 -1.87
C THR C 22 19.98 -25.01 -0.82
N PHE C 23 20.45 -23.83 -0.35
CA PHE C 23 21.47 -23.76 0.71
C PHE C 23 20.90 -24.15 2.10
N LEU C 24 19.55 -24.36 2.17
CA LEU C 24 18.80 -24.82 3.36
C LEU C 24 19.41 -26.10 3.95
N HIS C 25 19.85 -27.02 3.06
CA HIS C 25 20.43 -28.35 3.34
C HIS C 25 19.46 -29.30 4.05
#